data_3RER
#
_entry.id   3RER
#
_cell.length_a   37.970
_cell.length_b   52.380
_cell.length_c   55.520
_cell.angle_alpha   106.170
_cell.angle_beta   101.420
_cell.angle_gamma   98.950
#
_symmetry.space_group_name_H-M   'P 1'
#
loop_
_entity.id
_entity.type
_entity.pdbx_description
1 polymer 'Protein hfq'
2 polymer "5'-R(*AP*UP*UP*UP*UP*UP*UP*A)-3'"
3 non-polymer "ADENOSINE-5'-DIPHOSPHATE"
4 non-polymer 'MAGNESIUM ION'
5 water water
#
loop_
_entity_poly.entity_id
_entity_poly.type
_entity_poly.pdbx_seq_one_letter_code
_entity_poly.pdbx_strand_id
1 'polypeptide(L)' MAKGQSLQDPFLNALRRERVPVSIYLVNGIKLQGQIESFDQFVILLKNTVSQMVYKHAISTVVPS A,B,C,D,E,F
2 'polyribonucleotide' AUUUUUUA K
#
loop_
_chem_comp.id
_chem_comp.type
_chem_comp.name
_chem_comp.formula
A RNA linking ADENOSINE-5'-MONOPHOSPHATE 'C10 H14 N5 O7 P'
ADP non-polymer ADENOSINE-5'-DIPHOSPHATE 'C10 H15 N5 O10 P2'
MG non-polymer 'MAGNESIUM ION' 'Mg 2'
U RNA linking URIDINE-5'-MONOPHOSPHATE 'C9 H13 N2 O9 P'
#
# COMPACT_ATOMS: atom_id res chain seq x y z
N SER A 6 -22.42 -1.44 -7.06
CA SER A 6 -21.29 -2.18 -6.43
C SER A 6 -21.39 -3.68 -6.67
N LEU A 7 -20.23 -4.31 -6.85
CA LEU A 7 -20.16 -5.75 -7.03
C LEU A 7 -19.61 -6.38 -5.78
N GLN A 8 -18.78 -5.63 -5.07
CA GLN A 8 -18.22 -6.08 -3.80
C GLN A 8 -19.28 -6.44 -2.75
N ASP A 9 -20.28 -5.59 -2.55
CA ASP A 9 -21.27 -5.81 -1.50
C ASP A 9 -22.19 -7.04 -1.75
N PRO A 10 -22.75 -7.19 -2.97
CA PRO A 10 -23.49 -8.42 -3.25
C PRO A 10 -22.65 -9.70 -3.10
N PHE A 11 -21.38 -9.64 -3.46
CA PHE A 11 -20.50 -10.81 -3.38
C PHE A 11 -20.33 -11.24 -1.93
N LEU A 12 -19.95 -10.28 -1.09
CA LEU A 12 -19.75 -10.56 0.33
C LEU A 12 -21.06 -10.91 1.03
N ASN A 13 -22.13 -10.20 0.68
CA ASN A 13 -23.44 -10.50 1.28
C ASN A 13 -23.90 -11.91 0.95
N ALA A 14 -23.63 -12.36 -0.28
CA ALA A 14 -24.02 -13.71 -0.68
C ALA A 14 -23.23 -14.75 0.11
N LEU A 15 -21.91 -14.54 0.25
CA LEU A 15 -21.12 -15.47 1.05
C LEU A 15 -21.58 -15.51 2.51
N ARG A 16 -21.95 -14.35 3.04
CA ARG A 16 -22.32 -14.21 4.44
C ARG A 16 -23.68 -14.89 4.65
N ARG A 17 -24.57 -14.65 3.71
CA ARG A 17 -25.95 -15.15 3.80
C ARG A 17 -25.98 -16.66 3.68
N GLU A 18 -25.13 -17.19 2.81
CA GLU A 18 -25.11 -18.61 2.48
C GLU A 18 -24.19 -19.41 3.40
N ARG A 19 -23.45 -18.70 4.24
CA ARG A 19 -22.52 -19.29 5.20
C ARG A 19 -21.49 -20.19 4.55
N VAL A 20 -21.06 -19.77 3.36
CA VAL A 20 -20.11 -20.49 2.50
C VAL A 20 -18.72 -20.49 3.16
N PRO A 21 -18.06 -21.66 3.26
CA PRO A 21 -16.64 -21.61 3.66
C PRO A 21 -15.84 -20.81 2.65
N VAL A 22 -15.03 -19.87 3.14
CA VAL A 22 -14.25 -19.02 2.23
C VAL A 22 -12.78 -19.06 2.58
N SER A 23 -11.97 -18.66 1.60
CA SER A 23 -10.55 -18.43 1.83
C SER A 23 -10.34 -16.96 1.56
N ILE A 24 -9.69 -16.28 2.50
CA ILE A 24 -9.28 -14.91 2.29
C ILE A 24 -7.77 -14.93 2.17
N TYR A 25 -7.25 -14.58 0.99
CA TYR A 25 -5.81 -14.50 0.79
C TYR A 25 -5.32 -13.09 1.08
N LEU A 26 -4.27 -12.98 1.90
CA LEU A 26 -3.69 -11.69 2.21
C LEU A 26 -2.53 -11.40 1.27
N VAL A 27 -2.24 -10.12 1.12
CA VAL A 27 -1.16 -9.67 0.23
C VAL A 27 0.20 -10.28 0.63
N ASN A 28 0.38 -10.57 1.91
CA ASN A 28 1.63 -11.19 2.37
C ASN A 28 1.67 -12.71 2.18
N GLY A 29 0.68 -13.25 1.48
CA GLY A 29 0.64 -14.67 1.11
C GLY A 29 0.00 -15.61 2.12
N ILE A 30 -0.39 -15.11 3.27
CA ILE A 30 -1.11 -15.91 4.27
C ILE A 30 -2.53 -16.17 3.76
N LYS A 31 -3.02 -17.39 4.00
CA LYS A 31 -4.39 -17.78 3.65
C LYS A 31 -5.22 -17.95 4.92
N LEU A 32 -6.28 -17.15 5.06
CA LEU A 32 -7.20 -17.31 6.18
C LEU A 32 -8.44 -18.06 5.70
N GLN A 33 -9.03 -18.87 6.57
CA GLN A 33 -10.27 -19.61 6.21
C GLN A 33 -11.35 -19.40 7.26
N GLY A 34 -12.60 -19.39 6.84
CA GLY A 34 -13.68 -19.22 7.79
C GLY A 34 -14.93 -18.89 7.05
N GLN A 35 -15.85 -18.23 7.73
CA GLN A 35 -17.06 -17.77 7.09
C GLN A 35 -17.10 -16.25 7.18
N ILE A 36 -17.67 -15.60 6.17
CA ILE A 36 -17.90 -14.16 6.25
C ILE A 36 -18.99 -13.88 7.27
N GLU A 37 -18.59 -13.26 8.38
CA GLU A 37 -19.55 -12.93 9.43
C GLU A 37 -20.24 -11.59 9.16
N SER A 38 -19.45 -10.59 8.76
CA SER A 38 -19.96 -9.26 8.50
C SER A 38 -18.87 -8.46 7.81
N PHE A 39 -19.23 -7.28 7.33
CA PHE A 39 -18.24 -6.41 6.70
C PHE A 39 -18.75 -4.99 6.66
N ASP A 40 -17.80 -4.05 6.59
CA ASP A 40 -18.18 -2.65 6.37
C ASP A 40 -17.26 -2.03 5.33
N GLN A 41 -17.14 -0.70 5.34
CA GLN A 41 -16.33 -0.01 4.33
C GLN A 41 -14.89 -0.52 4.27
N PHE A 42 -14.27 -0.75 5.42
CA PHE A 42 -12.83 -1.01 5.47
C PHE A 42 -12.43 -2.40 5.99
N VAL A 43 -13.36 -3.12 6.60
CA VAL A 43 -12.96 -4.40 7.20
C VAL A 43 -13.91 -5.53 6.84
N ILE A 44 -13.40 -6.76 6.93
CA ILE A 44 -14.25 -7.95 6.89
C ILE A 44 -14.06 -8.70 8.21
N LEU A 45 -15.16 -9.10 8.84
CA LEU A 45 -15.06 -9.98 10.01
C LEU A 45 -15.16 -11.42 9.53
N LEU A 46 -14.11 -12.20 9.80
CA LEU A 46 -14.03 -13.60 9.39
C LEU A 46 -14.19 -14.44 10.65
N LYS A 47 -15.12 -15.39 10.59
CA LYS A 47 -15.39 -16.26 11.73
C LYS A 47 -14.90 -17.66 11.43
N ASN A 48 -14.02 -18.17 12.29
CA ASN A 48 -13.74 -19.61 12.35
C ASN A 48 -14.00 -20.07 13.78
N THR A 49 -12.96 -20.37 14.54
CA THR A 49 -13.16 -20.60 15.97
C THR A 49 -13.33 -19.27 16.72
N VAL A 50 -12.83 -18.21 16.12
CA VAL A 50 -12.95 -16.88 16.70
C VAL A 50 -13.35 -15.90 15.61
N SER A 51 -13.91 -14.76 16.00
CA SER A 51 -14.17 -13.69 15.04
C SER A 51 -12.94 -12.78 15.01
N GLN A 52 -12.35 -12.65 13.82
CA GLN A 52 -11.21 -11.77 13.64
C GLN A 52 -11.53 -10.70 12.63
N MET A 53 -11.04 -9.50 12.91
CA MET A 53 -11.28 -8.36 12.04
C MET A 53 -10.13 -8.23 11.06
N VAL A 54 -10.41 -8.32 9.75
CA VAL A 54 -9.38 -8.27 8.73
C VAL A 54 -9.53 -6.95 7.95
N TYR A 55 -8.46 -6.16 7.87
CA TYR A 55 -8.53 -4.93 7.07
C TYR A 55 -8.51 -5.28 5.60
N LYS A 56 -9.45 -4.72 4.86
CA LYS A 56 -9.51 -4.95 3.41
C LYS A 56 -8.20 -4.59 2.70
N HIS A 57 -7.51 -3.56 3.19
N HIS A 57 -7.52 -3.56 3.21
CA HIS A 57 -6.27 -3.18 2.54
CA HIS A 57 -6.24 -3.12 2.65
C HIS A 57 -5.24 -4.31 2.55
C HIS A 57 -5.19 -4.24 2.63
N ALA A 58 -5.34 -5.21 3.52
CA ALA A 58 -4.41 -6.35 3.63
C ALA A 58 -4.81 -7.53 2.75
N ILE A 59 -6.02 -7.46 2.19
CA ILE A 59 -6.56 -8.59 1.44
C ILE A 59 -6.25 -8.50 -0.04
N SER A 60 -5.83 -9.62 -0.64
CA SER A 60 -5.79 -9.66 -2.10
C SER A 60 -7.06 -10.21 -2.76
N THR A 61 -7.54 -11.37 -2.29
N THR A 61 -7.54 -11.35 -2.27
CA THR A 61 -8.68 -12.06 -2.93
CA THR A 61 -8.67 -12.03 -2.88
C THR A 61 -9.54 -12.81 -1.94
C THR A 61 -9.58 -12.65 -1.83
N VAL A 62 -10.84 -12.82 -2.19
CA VAL A 62 -11.78 -13.59 -1.40
C VAL A 62 -12.34 -14.68 -2.35
N VAL A 63 -12.23 -15.94 -1.93
CA VAL A 63 -12.48 -17.09 -2.82
C VAL A 63 -13.37 -18.09 -2.05
N PRO A 64 -14.53 -18.50 -2.61
CA PRO A 64 -15.18 -19.65 -1.98
C PRO A 64 -14.24 -20.86 -1.94
N SER A 65 -14.23 -21.59 -0.82
CA SER A 65 -13.32 -22.74 -0.66
C SER A 65 -13.78 -23.97 -1.41
N GLY B 4 -6.79 11.57 -23.28
CA GLY B 4 -6.39 11.57 -21.83
C GLY B 4 -7.54 11.30 -20.89
N GLN B 5 -8.44 10.39 -21.30
CA GLN B 5 -9.53 9.95 -20.42
C GLN B 5 -9.20 8.64 -19.69
N SER B 6 -10.07 8.28 -18.77
CA SER B 6 -9.98 7.05 -17.99
C SER B 6 -9.77 5.83 -18.87
N LEU B 7 -8.76 5.03 -18.48
CA LEU B 7 -8.41 3.84 -19.24
C LEU B 7 -8.93 2.54 -18.63
N GLN B 8 -9.22 2.53 -17.33
CA GLN B 8 -9.49 1.27 -16.64
C GLN B 8 -10.71 0.53 -17.16
N ASP B 9 -11.87 1.16 -17.08
CA ASP B 9 -13.09 0.45 -17.45
C ASP B 9 -13.13 0.06 -18.93
N PRO B 10 -12.67 0.94 -19.85
CA PRO B 10 -12.62 0.48 -21.26
C PRO B 10 -11.73 -0.77 -21.48
N PHE B 11 -10.57 -0.82 -20.82
CA PHE B 11 -9.64 -1.96 -20.93
C PHE B 11 -10.28 -3.24 -20.38
N LEU B 12 -10.85 -3.17 -19.18
CA LEU B 12 -11.48 -4.34 -18.56
C LEU B 12 -12.73 -4.78 -19.32
N ASN B 13 -13.52 -3.80 -19.77
CA ASN B 13 -14.75 -4.05 -20.52
C ASN B 13 -14.45 -4.79 -21.81
N ALA B 14 -13.40 -4.37 -22.49
CA ALA B 14 -13.02 -5.04 -23.75
C ALA B 14 -12.63 -6.49 -23.47
N LEU B 15 -11.85 -6.72 -22.41
CA LEU B 15 -11.46 -8.09 -22.06
C LEU B 15 -12.67 -8.92 -21.72
N ARG B 16 -13.61 -8.34 -20.99
CA ARG B 16 -14.83 -9.03 -20.59
C ARG B 16 -15.68 -9.38 -21.81
N ARG B 17 -15.93 -8.38 -22.65
CA ARG B 17 -16.85 -8.53 -23.79
C ARG B 17 -16.28 -9.51 -24.80
N GLU B 18 -14.95 -9.50 -24.95
CA GLU B 18 -14.28 -10.37 -25.92
C GLU B 18 -14.02 -11.78 -25.37
N ARG B 19 -14.29 -11.98 -24.08
CA ARG B 19 -14.08 -13.27 -23.41
C ARG B 19 -12.61 -13.75 -23.49
N VAL B 20 -11.70 -12.79 -23.31
CA VAL B 20 -10.27 -13.03 -23.41
C VAL B 20 -9.77 -13.68 -22.12
N PRO B 21 -9.09 -14.83 -22.23
CA PRO B 21 -8.38 -15.37 -21.06
C PRO B 21 -7.34 -14.37 -20.56
N VAL B 22 -7.41 -14.03 -19.27
CA VAL B 22 -6.52 -13.03 -18.73
C VAL B 22 -5.68 -13.56 -17.60
N SER B 23 -4.55 -12.92 -17.39
CA SER B 23 -3.73 -13.10 -16.21
C SER B 23 -3.87 -11.82 -15.40
N ILE B 24 -4.16 -11.96 -14.12
CA ILE B 24 -4.08 -10.85 -13.17
C ILE B 24 -2.92 -11.15 -12.23
N TYR B 25 -1.82 -10.38 -12.36
CA TYR B 25 -0.71 -10.52 -11.47
C TYR B 25 -0.95 -9.63 -10.27
N LEU B 26 -0.71 -10.17 -9.08
CA LEU B 26 -0.84 -9.39 -7.86
C LEU B 26 0.48 -8.72 -7.53
N VAL B 27 0.43 -7.75 -6.62
CA VAL B 27 1.65 -7.03 -6.20
C VAL B 27 2.70 -7.89 -5.50
N ASN B 28 2.31 -9.09 -5.07
CA ASN B 28 3.21 -10.04 -4.45
C ASN B 28 3.71 -11.08 -5.46
N GLY B 29 3.33 -10.90 -6.72
CA GLY B 29 3.80 -11.74 -7.82
C GLY B 29 2.93 -12.94 -8.15
N ILE B 30 1.93 -13.24 -7.30
CA ILE B 30 0.99 -14.32 -7.61
C ILE B 30 0.24 -14.04 -8.91
N LYS B 31 0.16 -15.04 -9.79
CA LYS B 31 -0.55 -14.90 -11.05
C LYS B 31 -1.90 -15.60 -10.95
N LEU B 32 -2.99 -14.85 -11.10
CA LEU B 32 -4.34 -15.42 -11.16
C LEU B 32 -4.77 -15.49 -12.61
N GLN B 33 -5.56 -16.51 -12.97
CA GLN B 33 -6.03 -16.64 -14.36
C GLN B 33 -7.52 -16.89 -14.41
N GLY B 34 -8.15 -16.45 -15.49
CA GLY B 34 -9.57 -16.65 -15.70
C GLY B 34 -10.13 -15.65 -16.68
N GLN B 35 -11.45 -15.47 -16.63
CA GLN B 35 -12.19 -14.49 -17.41
C GLN B 35 -12.64 -13.34 -16.51
N ILE B 36 -12.57 -12.12 -17.03
CA ILE B 36 -13.18 -10.99 -16.33
C ILE B 36 -14.70 -11.12 -16.40
N GLU B 37 -15.32 -11.31 -15.24
CA GLU B 37 -16.76 -11.46 -15.15
C GLU B 37 -17.42 -10.09 -14.97
N SER B 38 -16.81 -9.25 -14.13
CA SER B 38 -17.34 -7.94 -13.81
C SER B 38 -16.31 -7.17 -13.02
N PHE B 39 -16.58 -5.88 -12.80
CA PHE B 39 -15.65 -5.02 -12.06
C PHE B 39 -16.38 -3.78 -11.61
N ASP B 40 -15.87 -3.16 -10.56
CA ASP B 40 -16.40 -1.89 -10.08
C ASP B 40 -15.23 -1.00 -9.63
N GLN B 41 -15.53 0.02 -8.82
CA GLN B 41 -14.49 0.97 -8.41
C GLN B 41 -13.35 0.29 -7.65
N PHE B 42 -13.69 -0.76 -6.90
CA PHE B 42 -12.73 -1.37 -5.96
C PHE B 42 -12.25 -2.79 -6.29
N VAL B 43 -13.06 -3.53 -7.05
CA VAL B 43 -12.78 -4.95 -7.24
C VAL B 43 -12.96 -5.40 -8.67
N ILE B 44 -12.30 -6.52 -8.98
CA ILE B 44 -12.55 -7.25 -10.23
C ILE B 44 -13.00 -8.66 -9.86
N LEU B 45 -14.07 -9.14 -10.48
CA LEU B 45 -14.48 -10.55 -10.30
C LEU B 45 -13.86 -11.37 -11.42
N LEU B 46 -13.07 -12.37 -11.05
CA LEU B 46 -12.35 -13.21 -12.01
C LEU B 46 -12.91 -14.61 -11.91
N LYS B 47 -13.43 -15.11 -13.03
CA LYS B 47 -14.07 -16.42 -13.09
C LYS B 47 -13.15 -17.49 -13.70
N ASN B 48 -12.85 -18.51 -12.90
CA ASN B 48 -12.19 -19.72 -13.42
C ASN B 48 -13.00 -20.96 -13.04
N THR B 49 -12.52 -21.75 -12.07
CA THR B 49 -13.30 -22.83 -11.49
C THR B 49 -14.39 -22.26 -10.57
N VAL B 50 -14.10 -21.09 -10.00
CA VAL B 50 -15.06 -20.34 -9.18
C VAL B 50 -14.95 -18.85 -9.52
N SER B 51 -15.91 -18.07 -9.04
CA SER B 51 -15.80 -16.62 -9.11
C SER B 51 -15.00 -16.16 -7.89
N GLN B 52 -13.88 -15.49 -8.12
CA GLN B 52 -13.14 -14.89 -7.01
C GLN B 52 -13.09 -13.38 -7.12
N MET B 53 -13.16 -12.71 -5.99
CA MET B 53 -13.18 -11.26 -5.95
C MET B 53 -11.77 -10.79 -5.63
N VAL B 54 -11.20 -10.02 -6.54
CA VAL B 54 -9.84 -9.50 -6.38
C VAL B 54 -9.87 -8.00 -6.09
N TYR B 55 -9.24 -7.59 -5.00
CA TYR B 55 -9.17 -6.16 -4.69
C TYR B 55 -8.20 -5.45 -5.61
N LYS B 56 -8.65 -4.37 -6.24
CA LYS B 56 -7.75 -3.64 -7.14
C LYS B 56 -6.47 -3.17 -6.45
N HIS B 57 -6.56 -2.83 -5.15
CA HIS B 57 -5.39 -2.33 -4.42
C HIS B 57 -4.28 -3.36 -4.39
N ALA B 58 -4.62 -4.63 -4.61
CA ALA B 58 -3.63 -5.73 -4.58
C ALA B 58 -3.12 -6.13 -5.97
N ILE B 59 -3.65 -5.50 -7.01
CA ILE B 59 -3.36 -5.90 -8.39
C ILE B 59 -2.15 -5.14 -8.91
N SER B 60 -1.25 -5.85 -9.56
CA SER B 60 -0.17 -5.20 -10.29
C SER B 60 -0.58 -4.94 -11.75
N THR B 61 -0.91 -6.01 -12.46
CA THR B 61 -1.06 -5.93 -13.92
C THR B 61 -2.19 -6.82 -14.38
N VAL B 62 -2.95 -6.33 -15.35
CA VAL B 62 -3.99 -7.13 -16.01
C VAL B 62 -3.56 -7.25 -17.47
N VAL B 63 -3.49 -8.48 -17.97
CA VAL B 63 -2.96 -8.72 -19.32
C VAL B 63 -3.58 -9.97 -19.92
N PRO B 64 -3.83 -9.97 -21.23
CA PRO B 64 -4.24 -11.25 -21.83
C PRO B 64 -3.17 -12.34 -21.63
N SER B 65 -3.61 -13.55 -21.30
CA SER B 65 -2.69 -14.70 -21.14
C SER B 65 -2.10 -15.13 -22.47
N ALA C 2 7.95 20.65 -6.36
CA ALA C 2 7.01 21.24 -7.35
C ALA C 2 5.61 20.75 -7.01
N LYS C 3 4.59 21.31 -7.65
CA LYS C 3 3.22 21.03 -7.24
C LYS C 3 2.44 20.13 -8.19
N GLY C 4 1.43 19.47 -7.63
CA GLY C 4 0.50 18.68 -8.42
C GLY C 4 1.18 17.65 -9.29
N GLN C 5 0.91 17.68 -10.59
CA GLN C 5 1.43 16.66 -11.49
C GLN C 5 2.44 17.23 -12.48
N SER C 6 3.07 18.33 -12.08
CA SER C 6 3.89 19.13 -12.97
C SER C 6 5.17 18.40 -13.37
N LEU C 7 5.52 17.36 -12.61
CA LEU C 7 6.67 16.51 -12.96
C LEU C 7 6.19 15.21 -13.63
N GLN C 8 5.31 14.47 -12.96
CA GLN C 8 4.92 13.14 -13.45
C GLN C 8 4.28 13.15 -14.84
N ASP C 9 3.29 14.02 -15.05
CA ASP C 9 2.53 13.95 -16.29
C ASP C 9 3.37 14.31 -17.52
N PRO C 10 4.12 15.40 -17.45
CA PRO C 10 5.03 15.67 -18.58
C PRO C 10 6.12 14.59 -18.80
N PHE C 11 6.60 13.94 -17.72
CA PHE C 11 7.62 12.89 -17.81
C PHE C 11 7.06 11.72 -18.59
N LEU C 12 5.86 11.29 -18.18
CA LEU C 12 5.19 10.16 -18.84
C LEU C 12 4.76 10.54 -20.26
N ASN C 13 4.30 11.78 -20.44
CA ASN C 13 3.90 12.16 -21.78
C ASN C 13 5.07 12.20 -22.77
N ALA C 14 6.25 12.60 -22.30
CA ALA C 14 7.43 12.65 -23.17
C ALA C 14 7.83 11.25 -23.61
N LEU C 15 7.75 10.30 -22.68
CA LEU C 15 8.06 8.91 -22.99
C LEU C 15 7.07 8.37 -24.01
N ARG C 16 5.80 8.72 -23.81
CA ARG C 16 4.74 8.27 -24.69
C ARG C 16 4.90 8.87 -26.09
N ARG C 17 5.09 10.19 -26.15
CA ARG C 17 5.13 10.92 -27.44
C ARG C 17 6.32 10.49 -28.29
N GLU C 18 7.46 10.31 -27.63
CA GLU C 18 8.72 9.99 -28.31
C GLU C 18 8.94 8.49 -28.44
N ARG C 19 7.96 7.69 -28.00
CA ARG C 19 7.97 6.23 -28.13
C ARG C 19 9.25 5.61 -27.52
N VAL C 20 9.61 6.12 -26.34
CA VAL C 20 10.85 5.75 -25.70
C VAL C 20 10.72 4.38 -25.05
N PRO C 21 11.63 3.44 -25.38
CA PRO C 21 11.64 2.16 -24.67
C PRO C 21 11.86 2.38 -23.18
N VAL C 22 10.96 1.87 -22.34
CA VAL C 22 11.06 2.07 -20.89
C VAL C 22 11.20 0.78 -20.09
N SER C 23 11.77 0.94 -18.90
CA SER C 23 11.75 -0.10 -17.90
C SER C 23 10.84 0.38 -16.80
N ILE C 24 9.93 -0.50 -16.39
CA ILE C 24 9.06 -0.17 -15.28
C ILE C 24 9.34 -1.19 -14.19
N TYR C 25 9.95 -0.72 -13.11
CA TYR C 25 10.24 -1.61 -11.99
C TYR C 25 9.05 -1.62 -11.06
N LEU C 26 8.61 -2.83 -10.70
CA LEU C 26 7.45 -2.97 -9.83
C LEU C 26 7.88 -3.09 -8.36
N VAL C 27 6.93 -2.91 -7.45
CA VAL C 27 7.24 -2.95 -6.01
C VAL C 27 7.75 -4.31 -5.53
N ASN C 28 7.51 -5.37 -6.30
CA ASN C 28 8.01 -6.72 -5.98
C ASN C 28 9.34 -7.03 -6.69
N GLY C 29 9.93 -6.01 -7.30
CA GLY C 29 11.27 -6.09 -7.89
C GLY C 29 11.28 -6.57 -9.34
N ILE C 30 10.11 -6.90 -9.86
CA ILE C 30 9.97 -7.32 -11.24
C ILE C 30 10.18 -6.11 -12.16
N LYS C 31 10.92 -6.31 -13.25
CA LYS C 31 11.13 -5.26 -14.25
C LYS C 31 10.33 -5.58 -15.51
N LEU C 32 9.38 -4.70 -15.85
CA LEU C 32 8.67 -4.81 -17.12
C LEU C 32 9.32 -3.89 -18.13
N GLN C 33 9.26 -4.26 -19.40
CA GLN C 33 9.76 -3.37 -20.46
C GLN C 33 8.76 -3.24 -21.58
N GLY C 34 8.79 -2.09 -22.26
CA GLY C 34 7.91 -1.86 -23.39
C GLY C 34 7.83 -0.39 -23.69
N GLN C 35 6.75 -0.01 -24.35
CA GLN C 35 6.51 1.39 -24.61
C GLN C 35 5.22 1.83 -23.94
N ILE C 36 5.23 3.07 -23.47
CA ILE C 36 4.05 3.63 -22.86
C ILE C 36 3.06 4.01 -23.96
N GLU C 37 1.96 3.28 -24.02
CA GLU C 37 0.93 3.49 -25.04
C GLU C 37 0.00 4.63 -24.61
N SER C 38 -0.38 4.60 -23.33
CA SER C 38 -1.24 5.62 -22.76
C SER C 38 -1.16 5.52 -21.26
N PHE C 39 -1.68 6.54 -20.58
CA PHE C 39 -1.75 6.48 -19.13
C PHE C 39 -2.87 7.39 -18.67
N ASP C 40 -3.31 7.20 -17.44
CA ASP C 40 -4.26 8.11 -16.82
C ASP C 40 -3.77 8.38 -15.40
N GLN C 41 -4.66 8.85 -14.52
CA GLN C 41 -4.22 9.16 -13.17
C GLN C 41 -3.73 7.93 -12.43
N PHE C 42 -4.27 6.76 -12.75
CA PHE C 42 -4.08 5.57 -11.93
C PHE C 42 -3.36 4.39 -12.57
N VAL C 43 -3.39 4.32 -13.89
CA VAL C 43 -2.75 3.18 -14.60
C VAL C 43 -1.90 3.65 -15.75
N ILE C 44 -0.97 2.78 -16.15
CA ILE C 44 -0.20 2.97 -17.36
C ILE C 44 -0.47 1.77 -18.26
N LEU C 45 -0.77 2.02 -19.53
CA LEU C 45 -0.84 0.96 -20.51
C LEU C 45 0.53 0.77 -21.15
N LEU C 46 1.11 -0.40 -20.92
CA LEU C 46 2.45 -0.70 -21.41
C LEU C 46 2.33 -1.71 -22.55
N LYS C 47 2.93 -1.39 -23.69
CA LYS C 47 2.83 -2.26 -24.85
C LYS C 47 4.19 -2.87 -25.16
N ASN C 48 4.23 -4.20 -25.22
CA ASN C 48 5.41 -4.88 -25.72
C ASN C 48 4.88 -5.79 -26.83
N THR C 49 4.72 -7.07 -26.56
CA THR C 49 4.02 -7.95 -27.50
C THR C 49 2.51 -7.64 -27.52
N VAL C 50 1.95 -7.37 -26.33
CA VAL C 50 0.54 -7.04 -26.19
C VAL C 50 0.42 -5.87 -25.21
N SER C 51 -0.77 -5.32 -25.09
CA SER C 51 -1.03 -4.21 -24.16
C SER C 51 -1.38 -4.80 -22.80
N GLN C 52 -0.67 -4.33 -21.76
CA GLN C 52 -1.03 -4.67 -20.37
C GLN C 52 -1.29 -3.42 -19.56
N MET C 53 -2.25 -3.51 -18.65
CA MET C 53 -2.61 -2.40 -17.79
C MET C 53 -1.90 -2.58 -16.45
N VAL C 54 -0.99 -1.66 -16.15
CA VAL C 54 -0.21 -1.69 -14.93
C VAL C 54 -0.75 -0.61 -13.98
N TYR C 55 -1.14 -1.03 -12.77
CA TYR C 55 -1.56 -0.05 -11.75
C TYR C 55 -0.37 0.72 -11.21
N LYS C 56 -0.49 2.05 -11.18
CA LYS C 56 0.62 2.86 -10.67
C LYS C 56 1.00 2.45 -9.25
N HIS C 57 0.01 2.00 -8.46
CA HIS C 57 0.32 1.59 -7.08
C HIS C 57 1.29 0.41 -6.98
N ALA C 58 1.44 -0.32 -8.08
CA ALA C 58 2.36 -1.46 -8.16
C ALA C 58 3.74 -1.06 -8.67
N ILE C 59 3.87 0.20 -9.09
CA ILE C 59 5.11 0.64 -9.72
C ILE C 59 6.04 1.31 -8.72
N SER C 60 7.31 0.91 -8.75
CA SER C 60 8.33 1.63 -8.01
C SER C 60 8.92 2.75 -8.86
N THR C 61 9.45 2.41 -10.04
CA THR C 61 10.26 3.37 -10.80
C THR C 61 10.01 3.25 -12.29
N VAL C 62 9.98 4.37 -13.00
CA VAL C 62 9.88 4.37 -14.46
C VAL C 62 11.15 5.05 -14.98
N VAL C 63 11.83 4.41 -15.93
CA VAL C 63 13.09 5.00 -16.45
C VAL C 63 13.30 4.52 -17.88
N PRO C 64 13.87 5.36 -18.76
CA PRO C 64 14.14 4.82 -20.11
C PRO C 64 15.11 3.65 -20.04
N SER C 65 14.90 2.64 -20.89
CA SER C 65 15.77 1.47 -20.96
C SER C 65 17.16 1.82 -21.52
C GLN D 5 3.44 22.29 6.43
N SER D 6 3.45 21.88 5.17
CA SER D 6 4.27 20.76 4.70
C SER D 6 5.71 20.83 5.22
N LEU D 7 6.21 19.69 5.67
CA LEU D 7 7.62 19.56 5.99
C LEU D 7 8.29 18.87 4.83
N GLN D 8 7.51 18.04 4.13
CA GLN D 8 8.05 17.27 3.03
C GLN D 8 8.66 18.18 1.95
N ASP D 9 7.95 19.22 1.57
CA ASP D 9 8.38 20.05 0.45
C ASP D 9 9.67 20.84 0.72
N PRO D 10 9.77 21.53 1.88
CA PRO D 10 11.04 22.19 2.23
C PRO D 10 12.22 21.22 2.34
N PHE D 11 11.98 20.02 2.85
CA PHE D 11 13.03 19.01 2.98
C PHE D 11 13.57 18.63 1.62
N LEU D 12 12.67 18.26 0.72
CA LEU D 12 13.07 17.85 -0.63
C LEU D 12 13.64 19.01 -1.45
N ASN D 13 13.04 20.19 -1.34
CA ASN D 13 13.59 21.34 -2.05
C ASN D 13 15.03 21.69 -1.64
N ALA D 14 15.33 21.57 -0.35
CA ALA D 14 16.67 21.90 0.14
C ALA D 14 17.68 20.91 -0.45
N LEU D 15 17.31 19.63 -0.48
CA LEU D 15 18.18 18.61 -1.06
C LEU D 15 18.42 18.89 -2.55
N ARG D 16 17.34 19.27 -3.24
CA ARG D 16 17.39 19.58 -4.66
C ARG D 16 18.31 20.76 -4.93
N ARG D 17 18.10 21.85 -4.19
CA ARG D 17 18.81 23.10 -4.45
C ARG D 17 20.30 22.94 -4.29
N GLU D 18 20.69 22.16 -3.29
CA GLU D 18 22.10 22.05 -2.94
C GLU D 18 22.78 20.83 -3.54
N ARG D 19 22.03 20.07 -4.34
CA ARG D 19 22.53 18.85 -5.00
C ARG D 19 23.12 17.87 -3.98
N VAL D 20 22.40 17.67 -2.89
CA VAL D 20 22.86 16.82 -1.79
C VAL D 20 22.78 15.36 -2.22
N PRO D 21 23.86 14.58 -2.03
CA PRO D 21 23.75 13.14 -2.29
C PRO D 21 22.74 12.52 -1.33
N VAL D 22 21.82 11.73 -1.88
CA VAL D 22 20.83 11.03 -1.06
C VAL D 22 20.80 9.56 -1.35
N SER D 23 20.27 8.82 -0.38
CA SER D 23 19.89 7.44 -0.57
C SER D 23 18.37 7.44 -0.43
N ILE D 24 17.71 6.76 -1.35
CA ILE D 24 16.25 6.53 -1.27
C ILE D 24 16.06 5.04 -1.02
N TYR D 25 15.52 4.70 0.16
CA TYR D 25 15.27 3.31 0.48
C TYR D 25 13.84 3.03 0.09
N LEU D 26 13.64 1.94 -0.65
CA LEU D 26 12.30 1.57 -1.09
C LEU D 26 11.69 0.59 -0.11
N VAL D 27 10.36 0.51 -0.15
CA VAL D 27 9.65 -0.34 0.80
C VAL D 27 10.03 -1.80 0.66
N ASN D 28 10.44 -2.22 -0.53
CA ASN D 28 10.87 -3.62 -0.80
C ASN D 28 12.34 -3.93 -0.45
N GLY D 29 13.04 -2.94 0.08
CA GLY D 29 14.42 -3.14 0.54
C GLY D 29 15.50 -2.72 -0.43
N ILE D 30 15.10 -2.34 -1.65
CA ILE D 30 16.01 -1.73 -2.61
C ILE D 30 16.51 -0.35 -2.14
N LYS D 31 17.78 -0.06 -2.39
CA LYS D 31 18.35 1.24 -2.07
C LYS D 31 18.82 1.90 -3.36
N LEU D 32 18.30 3.09 -3.63
CA LEU D 32 18.73 3.89 -4.76
C LEU D 32 19.59 5.05 -4.27
N GLN D 33 20.57 5.47 -5.07
CA GLN D 33 21.35 6.66 -4.71
C GLN D 33 21.35 7.66 -5.86
N GLY D 34 21.45 8.93 -5.53
CA GLY D 34 21.57 9.94 -6.56
C GLY D 34 21.27 11.30 -5.96
N GLN D 35 20.84 12.22 -6.80
CA GLN D 35 20.40 13.53 -6.36
C GLN D 35 18.92 13.72 -6.65
N ILE D 36 18.25 14.49 -5.78
CA ILE D 36 16.86 14.87 -6.02
C ILE D 36 16.85 15.90 -7.13
N GLU D 37 16.37 15.51 -8.30
CA GLU D 37 16.32 16.43 -9.43
C GLU D 37 15.08 17.32 -9.35
N SER D 38 13.94 16.71 -9.02
CA SER D 38 12.68 17.42 -8.83
C SER D 38 11.70 16.46 -8.16
N PHE D 39 10.51 16.96 -7.84
CA PHE D 39 9.48 16.12 -7.23
C PHE D 39 8.16 16.84 -7.41
N ASP D 40 7.06 16.10 -7.28
CA ASP D 40 5.74 16.72 -7.26
C ASP D 40 4.86 15.97 -6.27
N GLN D 41 3.55 15.99 -6.45
CA GLN D 41 2.68 15.39 -5.45
C GLN D 41 2.97 13.90 -5.19
N PHE D 42 3.20 13.14 -6.25
CA PHE D 42 3.25 11.67 -6.12
C PHE D 42 4.58 11.04 -6.45
N VAL D 43 5.51 11.80 -7.03
CA VAL D 43 6.78 11.20 -7.47
C VAL D 43 7.97 12.07 -7.12
N ILE D 44 9.14 11.43 -7.15
CA ILE D 44 10.43 12.12 -6.98
C ILE D 44 11.28 11.71 -8.16
N LEU D 45 11.91 12.70 -8.83
CA LEU D 45 12.82 12.41 -9.92
C LEU D 45 14.25 12.32 -9.36
N LEU D 46 14.82 11.12 -9.37
CA LEU D 46 16.13 10.88 -8.79
C LEU D 46 17.10 10.78 -9.94
N LYS D 47 18.19 11.53 -9.87
CA LYS D 47 19.16 11.46 -10.94
C LYS D 47 20.49 10.91 -10.48
N ASN D 48 20.96 9.87 -11.15
CA ASN D 48 22.34 9.39 -10.98
C ASN D 48 22.99 9.41 -12.36
N THR D 49 23.24 8.24 -12.96
CA THR D 49 23.64 8.19 -14.37
C THR D 49 22.47 8.57 -15.29
N VAL D 50 21.25 8.31 -14.85
CA VAL D 50 20.04 8.67 -15.59
C VAL D 50 19.01 9.23 -14.63
N SER D 51 17.97 9.87 -15.18
CA SER D 51 16.87 10.39 -14.39
C SER D 51 15.74 9.37 -14.37
N GLN D 52 15.37 8.93 -13.17
CA GLN D 52 14.32 7.91 -13.01
C GLN D 52 13.23 8.47 -12.12
N MET D 53 11.99 8.20 -12.50
CA MET D 53 10.85 8.71 -11.74
C MET D 53 10.43 7.66 -10.72
N VAL D 54 10.52 8.02 -9.43
CA VAL D 54 10.26 7.07 -8.36
C VAL D 54 8.95 7.47 -7.69
N TYR D 55 8.00 6.55 -7.63
CA TYR D 55 6.72 6.84 -6.95
C TYR D 55 6.91 6.90 -5.44
N LYS D 56 6.39 7.95 -4.82
CA LYS D 56 6.50 8.07 -3.36
C LYS D 56 5.95 6.87 -2.60
N HIS D 57 4.85 6.30 -3.08
CA HIS D 57 4.29 5.12 -2.42
C HIS D 57 5.25 3.95 -2.32
N ALA D 58 6.31 3.98 -3.14
CA ALA D 58 7.31 2.91 -3.14
C ALA D 58 8.48 3.21 -2.18
N ILE D 59 8.51 4.42 -1.64
CA ILE D 59 9.63 4.89 -0.83
C ILE D 59 9.37 4.73 0.65
N SER D 60 10.36 4.24 1.39
CA SER D 60 10.26 4.30 2.83
C SER D 60 10.93 5.58 3.38
N THR D 61 12.19 5.79 3.01
CA THR D 61 12.96 6.89 3.55
C THR D 61 13.82 7.61 2.52
N VAL D 62 14.00 8.90 2.77
CA VAL D 62 14.94 9.71 1.99
C VAL D 62 16.01 10.19 2.96
N VAL D 63 17.25 9.80 2.68
CA VAL D 63 18.34 9.89 3.67
C VAL D 63 19.50 10.63 3.02
N PRO D 64 19.78 11.86 3.48
CA PRO D 64 20.91 12.59 2.95
C PRO D 64 22.21 12.00 3.48
N SER D 65 23.29 12.21 2.74
CA SER D 65 24.63 12.06 3.30
C SER D 65 25.41 13.34 3.02
N SER E 6 -7.91 13.15 16.33
CA SER E 6 -6.57 12.53 16.08
C SER E 6 -5.88 12.17 17.39
N LEU E 7 -5.44 10.92 17.50
CA LEU E 7 -4.60 10.44 18.59
C LEU E 7 -3.14 10.48 18.11
N GLN E 8 -2.98 10.34 16.81
CA GLN E 8 -1.68 10.31 16.19
C GLN E 8 -0.84 11.57 16.46
N ASP E 9 -1.42 12.75 16.23
CA ASP E 9 -0.67 13.99 16.42
C ASP E 9 -0.18 14.25 17.87
N PRO E 10 -1.09 14.13 18.86
CA PRO E 10 -0.64 14.27 20.26
C PRO E 10 0.44 13.25 20.65
N PHE E 11 0.32 12.02 20.15
CA PHE E 11 1.30 10.98 20.45
C PHE E 11 2.69 11.36 19.92
N LEU E 12 2.74 11.78 18.65
CA LEU E 12 4.00 12.19 18.03
C LEU E 12 4.55 13.49 18.61
N ASN E 13 3.65 14.45 18.88
CA ASN E 13 4.03 15.71 19.52
C ASN E 13 4.68 15.54 20.88
N ALA E 14 4.18 14.61 21.68
CA ALA E 14 4.73 14.37 23.01
C ALA E 14 6.12 13.76 22.91
N LEU E 15 6.30 12.85 21.97
CA LEU E 15 7.62 12.27 21.74
C LEU E 15 8.61 13.34 21.27
N ARG E 16 8.14 14.23 20.40
CA ARG E 16 8.95 15.32 19.86
C ARG E 16 9.37 16.33 20.92
N ARG E 17 8.38 16.82 21.67
CA ARG E 17 8.57 17.85 22.71
C ARG E 17 9.47 17.36 23.85
N GLU E 18 9.32 16.10 24.22
CA GLU E 18 10.10 15.52 25.31
C GLU E 18 11.42 14.90 24.84
N ARG E 19 11.69 15.00 23.53
CA ARG E 19 12.93 14.52 22.92
C ARG E 19 13.19 13.05 23.28
N VAL E 20 12.11 12.26 23.22
CA VAL E 20 12.12 10.86 23.58
C VAL E 20 12.79 10.03 22.47
N PRO E 21 13.86 9.26 22.80
CA PRO E 21 14.38 8.37 21.77
C PRO E 21 13.31 7.38 21.35
N VAL E 22 13.13 7.25 20.05
CA VAL E 22 12.07 6.38 19.52
C VAL E 22 12.61 5.30 18.61
N SER E 23 11.82 4.26 18.47
CA SER E 23 12.02 3.24 17.45
C SER E 23 10.86 3.37 16.48
N ILE E 24 11.19 3.45 15.20
CA ILE E 24 10.20 3.43 14.14
C ILE E 24 10.44 2.15 13.36
N TYR E 25 9.46 1.27 13.36
CA TYR E 25 9.60 0.04 12.61
C TYR E 25 8.91 0.25 11.29
N LEU E 26 9.60 -0.13 10.22
CA LEU E 26 9.05 -0.03 8.89
C LEU E 26 8.27 -1.28 8.53
N VAL E 27 7.46 -1.18 7.49
CA VAL E 27 6.63 -2.33 7.08
C VAL E 27 7.42 -3.55 6.63
N ASN E 28 8.66 -3.35 6.20
CA ASN E 28 9.56 -4.46 5.81
C ASN E 28 10.36 -4.99 7.00
N GLY E 29 10.08 -4.46 8.19
CA GLY E 29 10.69 -4.97 9.43
C GLY E 29 11.96 -4.25 9.87
N ILE E 30 12.48 -3.35 9.05
CA ILE E 30 13.64 -2.53 9.44
C ILE E 30 13.27 -1.62 10.62
N LYS E 31 14.18 -1.53 11.58
CA LYS E 31 14.00 -0.65 12.74
C LYS E 31 14.91 0.57 12.64
N LEU E 32 14.30 1.75 12.58
CA LEU E 32 15.01 3.02 12.63
C LEU E 32 14.96 3.57 14.05
N GLN E 33 16.03 4.24 14.47
CA GLN E 33 16.04 4.84 15.79
C GLN E 33 16.45 6.29 15.70
N GLY E 34 15.92 7.11 16.59
CA GLY E 34 16.31 8.52 16.64
C GLY E 34 15.31 9.33 17.42
N GLN E 35 15.34 10.64 17.21
CA GLN E 35 14.37 11.54 17.82
C GLN E 35 13.48 12.13 16.75
N ILE E 36 12.21 12.32 17.11
CA ILE E 36 11.28 12.94 16.18
C ILE E 36 11.54 14.43 16.18
N GLU E 37 11.97 14.94 15.02
CA GLU E 37 12.25 16.37 14.88
C GLU E 37 10.97 17.11 14.55
N SER E 38 10.20 16.56 13.61
CA SER E 38 8.93 17.14 13.20
C SER E 38 8.15 16.12 12.40
N PHE E 39 6.91 16.47 12.07
CA PHE E 39 6.04 15.58 11.28
C PHE E 39 4.89 16.37 10.64
N ASP E 40 4.36 15.84 9.54
CA ASP E 40 3.17 16.41 8.92
C ASP E 40 2.23 15.27 8.50
N GLN E 41 1.28 15.55 7.61
CA GLN E 41 0.30 14.54 7.22
C GLN E 41 0.96 13.28 6.67
N PHE E 42 2.09 13.44 6.01
CA PHE E 42 2.63 12.33 5.20
C PHE E 42 3.96 11.80 5.67
N VAL E 43 4.71 12.61 6.42
CA VAL E 43 6.07 12.24 6.76
C VAL E 43 6.42 12.52 8.21
N ILE E 44 7.46 11.83 8.66
CA ILE E 44 8.11 12.10 9.95
C ILE E 44 9.58 12.38 9.68
N LEU E 45 10.09 13.50 10.20
CA LEU E 45 11.54 13.74 10.13
C LEU E 45 12.20 13.16 11.38
N LEU E 46 13.12 12.22 11.18
CA LEU E 46 13.77 11.48 12.25
C LEU E 46 15.25 11.85 12.31
N LYS E 47 15.70 12.33 13.47
CA LYS E 47 17.08 12.79 13.65
C LYS E 47 17.92 11.83 14.48
N ASN E 48 19.03 11.39 13.89
CA ASN E 48 20.08 10.69 14.63
C ASN E 48 21.43 11.30 14.25
N THR E 49 22.26 10.57 13.51
CA THR E 49 23.47 11.16 12.94
C THR E 49 23.10 12.18 11.84
N VAL E 50 22.01 11.89 11.14
CA VAL E 50 21.44 12.80 10.13
C VAL E 50 19.95 13.01 10.38
N SER E 51 19.35 14.01 9.72
CA SER E 51 17.89 14.10 9.65
C SER E 51 17.41 13.41 8.37
N GLN E 52 16.58 12.37 8.52
CA GLN E 52 16.01 11.67 7.35
C GLN E 52 14.51 11.80 7.34
N MET E 53 13.91 11.67 6.16
CA MET E 53 12.48 11.83 6.02
C MET E 53 11.86 10.46 5.80
N VAL E 54 10.93 10.08 6.69
CA VAL E 54 10.29 8.78 6.65
C VAL E 54 8.83 8.96 6.23
N TYR E 55 8.42 8.29 5.17
CA TYR E 55 7.00 8.33 4.78
C TYR E 55 6.19 7.50 5.76
N LYS E 56 5.13 8.10 6.29
CA LYS E 56 4.23 7.38 7.19
C LYS E 56 3.68 6.08 6.59
N HIS E 57 3.44 6.07 5.27
CA HIS E 57 2.91 4.87 4.63
C HIS E 57 3.81 3.65 4.78
N ALA E 58 5.10 3.90 5.03
CA ALA E 58 6.08 2.82 5.17
C ALA E 58 6.28 2.41 6.63
N ILE E 59 5.60 3.10 7.55
CA ILE E 59 5.79 2.82 8.98
C ILE E 59 4.73 1.84 9.47
N SER E 60 5.15 0.85 10.26
CA SER E 60 4.18 0.03 10.97
C SER E 60 3.89 0.55 12.39
N THR E 61 4.95 0.82 13.15
N THR E 61 4.94 0.79 13.17
CA THR E 61 4.82 1.18 14.57
CA THR E 61 4.77 1.23 14.57
C THR E 61 5.82 2.23 15.02
C THR E 61 5.79 2.27 14.98
N VAL E 62 5.37 3.14 15.89
CA VAL E 62 6.27 4.08 16.53
C VAL E 62 6.17 3.82 18.02
N VAL E 63 7.33 3.64 18.66
CA VAL E 63 7.37 3.32 20.11
C VAL E 63 8.61 3.93 20.77
N PRO E 64 8.49 4.42 22.02
CA PRO E 64 9.74 4.82 22.67
C PRO E 64 10.71 3.66 22.82
N SER E 65 12.01 3.92 22.64
CA SER E 65 12.98 2.83 22.65
C SER E 65 13.41 2.45 24.07
N GLN F 5 -18.52 2.62 9.27
CA GLN F 5 -17.63 2.08 10.35
C GLN F 5 -18.42 1.23 11.33
N SER F 6 -19.57 0.75 10.88
CA SER F 6 -20.56 0.12 11.76
C SER F 6 -20.08 -1.21 12.31
N LEU F 7 -19.00 -1.73 11.72
CA LEU F 7 -18.44 -2.99 12.19
C LEU F 7 -17.13 -2.74 12.92
N GLN F 8 -16.23 -1.99 12.31
CA GLN F 8 -14.89 -1.77 12.84
C GLN F 8 -14.89 -1.07 14.20
N ASP F 9 -15.59 0.05 14.28
CA ASP F 9 -15.57 0.82 15.51
C ASP F 9 -16.16 0.09 16.72
N PRO F 10 -17.35 -0.54 16.56
CA PRO F 10 -17.82 -1.30 17.73
C PRO F 10 -16.95 -2.51 18.11
N PHE F 11 -16.32 -3.14 17.11
CA PHE F 11 -15.43 -4.29 17.36
C PHE F 11 -14.26 -3.82 18.20
N LEU F 12 -13.61 -2.74 17.76
CA LEU F 12 -12.45 -2.21 18.46
C LEU F 12 -12.84 -1.60 19.80
N ASN F 13 -13.97 -0.88 19.84
CA ASN F 13 -14.42 -0.30 21.09
C ASN F 13 -14.75 -1.32 22.17
N ALA F 14 -15.31 -2.47 21.77
CA ALA F 14 -15.64 -3.53 22.72
C ALA F 14 -14.35 -4.09 23.32
N LEU F 15 -13.36 -4.33 22.46
CA LEU F 15 -12.04 -4.78 22.92
C LEU F 15 -11.41 -3.77 23.88
N ARG F 16 -11.53 -2.49 23.55
CA ARG F 16 -10.95 -1.41 24.35
C ARG F 16 -11.66 -1.28 25.70
N ARG F 17 -12.98 -1.17 25.67
CA ARG F 17 -13.75 -0.95 26.90
C ARG F 17 -13.68 -2.13 27.87
N GLU F 18 -13.65 -3.35 27.33
CA GLU F 18 -13.59 -4.55 28.16
C GLU F 18 -12.14 -4.99 28.47
N ARG F 19 -11.18 -4.23 27.95
CA ARG F 19 -9.75 -4.38 28.25
C ARG F 19 -9.29 -5.82 27.95
N VAL F 20 -9.72 -6.31 26.79
CA VAL F 20 -9.47 -7.66 26.31
C VAL F 20 -8.07 -7.76 25.71
N PRO F 21 -7.28 -8.74 26.13
CA PRO F 21 -5.97 -8.92 25.49
C PRO F 21 -6.15 -9.27 24.01
N VAL F 22 -5.45 -8.54 23.16
CA VAL F 22 -5.60 -8.74 21.72
C VAL F 22 -4.29 -9.11 21.05
N SER F 23 -4.43 -9.70 19.88
CA SER F 23 -3.30 -9.92 19.00
C SER F 23 -3.54 -9.09 17.75
N ILE F 24 -2.51 -8.34 17.36
CA ILE F 24 -2.56 -7.57 16.13
C ILE F 24 -1.48 -8.10 15.20
N TYR F 25 -1.93 -8.67 14.09
CA TYR F 25 -1.00 -9.21 13.10
C TYR F 25 -0.71 -8.14 12.08
N LEU F 26 0.58 -7.92 11.84
CA LEU F 26 0.98 -6.93 10.88
C LEU F 26 1.16 -7.54 9.51
N VAL F 27 1.22 -6.69 8.49
CA VAL F 27 1.29 -7.15 7.12
C VAL F 27 2.61 -7.90 6.85
N ASN F 28 3.62 -7.72 7.70
CA ASN F 28 4.89 -8.45 7.53
C ASN F 28 4.93 -9.74 8.37
N GLY F 29 3.77 -10.10 8.92
CA GLY F 29 3.65 -11.32 9.73
C GLY F 29 4.00 -11.23 11.20
N ILE F 30 4.54 -10.09 11.63
CA ILE F 30 4.81 -9.84 13.05
C ILE F 30 3.50 -9.82 13.83
N LYS F 31 3.49 -10.48 14.99
CA LYS F 31 2.32 -10.50 15.87
C LYS F 31 2.58 -9.64 17.11
N LEU F 32 1.84 -8.55 17.23
CA LEU F 32 1.90 -7.71 18.43
C LEU F 32 0.82 -8.14 19.42
N GLN F 33 1.09 -8.05 20.71
CA GLN F 33 0.06 -8.32 21.70
C GLN F 33 -0.04 -7.19 22.73
N GLY F 34 -1.24 -7.03 23.28
CA GLY F 34 -1.44 -6.05 24.34
C GLY F 34 -2.92 -5.76 24.50
N GLN F 35 -3.22 -4.59 25.04
CA GLN F 35 -4.59 -4.14 25.15
C GLN F 35 -4.70 -2.85 24.37
N ILE F 36 -5.86 -2.65 23.77
CA ILE F 36 -6.09 -1.44 22.99
C ILE F 36 -6.44 -0.33 23.95
N GLU F 37 -5.60 0.71 23.97
CA GLU F 37 -5.86 1.85 24.85
C GLU F 37 -6.80 2.83 24.19
N SER F 38 -6.61 3.04 22.89
CA SER F 38 -7.40 3.99 22.14
C SER F 38 -7.14 3.77 20.67
N PHE F 39 -7.98 4.37 19.83
CA PHE F 39 -7.77 4.34 18.39
C PHE F 39 -8.45 5.54 17.78
N ASP F 40 -8.03 5.86 16.55
CA ASP F 40 -8.70 6.86 15.75
C ASP F 40 -8.91 6.31 14.33
N GLN F 41 -9.08 7.19 13.34
CA GLN F 41 -9.37 6.69 12.00
C GLN F 41 -8.19 5.94 11.42
N PHE F 42 -6.98 6.33 11.82
CA PHE F 42 -5.76 5.85 11.18
C PHE F 42 -4.82 4.98 12.00
N VAL F 43 -4.86 5.12 13.32
CA VAL F 43 -3.93 4.37 14.17
C VAL F 43 -4.64 3.70 15.35
N ILE F 44 -3.97 2.69 15.90
CA ILE F 44 -4.38 2.07 17.15
C ILE F 44 -3.25 2.19 18.14
N LEU F 45 -3.57 2.64 19.36
CA LEU F 45 -2.60 2.66 20.44
C LEU F 45 -2.72 1.36 21.21
N LEU F 46 -1.63 0.61 21.22
CA LEU F 46 -1.57 -0.71 21.83
C LEU F 46 -0.65 -0.66 23.04
N LYS F 47 -1.16 -1.12 24.18
CA LYS F 47 -0.40 -1.09 25.42
C LYS F 47 0.01 -2.48 25.84
N ASN F 48 1.31 -2.70 25.98
CA ASN F 48 1.81 -3.90 26.63
C ASN F 48 2.72 -3.48 27.78
N THR F 49 4.04 -3.56 27.60
CA THR F 49 4.98 -3.00 28.57
C THR F 49 5.03 -1.47 28.43
N VAL F 50 4.84 -1.00 27.20
CA VAL F 50 4.77 0.43 26.87
C VAL F 50 3.66 0.65 25.85
N SER F 51 3.32 1.92 25.61
CA SER F 51 2.30 2.24 24.62
C SER F 51 2.96 2.49 23.27
N GLN F 52 2.52 1.75 22.26
CA GLN F 52 3.03 1.94 20.89
C GLN F 52 1.90 2.28 19.96
N MET F 53 2.20 3.13 18.99
CA MET F 53 1.22 3.55 18.01
C MET F 53 1.38 2.69 16.76
N VAL F 54 0.30 2.03 16.37
CA VAL F 54 0.34 1.13 15.23
C VAL F 54 -0.51 1.72 14.11
N TYR F 55 0.07 1.89 12.94
CA TYR F 55 -0.70 2.36 11.78
C TYR F 55 -1.60 1.28 11.24
N LYS F 56 -2.87 1.62 11.03
CA LYS F 56 -3.81 0.64 10.47
C LYS F 56 -3.36 0.10 9.12
N HIS F 57 -2.65 0.93 8.34
CA HIS F 57 -2.23 0.48 7.01
C HIS F 57 -1.24 -0.67 7.07
N ALA F 58 -0.67 -0.87 8.26
CA ALA F 58 0.32 -1.92 8.46
C ALA F 58 -0.33 -3.14 9.10
N ILE F 59 -1.60 -3.05 9.45
CA ILE F 59 -2.28 -4.17 10.16
C ILE F 59 -3.04 -5.07 9.19
N SER F 60 -2.89 -6.38 9.35
CA SER F 60 -3.73 -7.32 8.62
C SER F 60 -4.97 -7.67 9.42
N THR F 61 -4.80 -8.11 10.67
CA THR F 61 -5.92 -8.67 11.45
C THR F 61 -5.82 -8.29 12.92
N VAL F 62 -6.98 -8.04 13.53
CA VAL F 62 -7.07 -7.79 14.96
C VAL F 62 -8.00 -8.85 15.51
N VAL F 63 -7.55 -9.54 16.56
CA VAL F 63 -8.33 -10.64 17.12
C VAL F 63 -8.06 -10.76 18.61
N PRO F 64 -9.08 -11.15 19.39
CA PRO F 64 -8.76 -11.36 20.81
C PRO F 64 -7.80 -12.54 20.95
N SER F 65 -6.82 -12.41 21.83
CA SER F 65 -5.84 -13.49 22.04
C SER F 65 -6.46 -14.72 22.70
C4' ADP H . -0.12 -20.11 -2.68
O4' ADP H . -0.41 -19.24 -3.78
C3' ADP H . -0.72 -19.48 -1.43
O3' ADP H . 0.27 -19.40 -0.39
C2' ADP H . -1.21 -18.11 -1.85
O2' ADP H . -0.34 -17.05 -1.39
C1' ADP H . -1.20 -18.12 -3.37
N9 ADP H . -2.59 -18.22 -3.93
C8 ADP H . -3.17 -19.36 -4.38
N7 ADP H . -4.43 -19.12 -4.84
C5 ADP H . -4.66 -17.80 -4.67
C6 ADP H . -5.78 -16.88 -4.95
N6 ADP H . -6.93 -17.34 -5.49
N1 ADP H . -5.61 -15.56 -4.64
C2 ADP H . -4.47 -15.09 -4.09
N3 ADP H . -3.40 -15.87 -3.82
C4 ADP H . -3.44 -17.21 -4.08
PB ADP I . 5.32 -15.19 -16.61
O1B ADP I . 5.59 -13.90 -17.34
O2B ADP I . 3.92 -15.32 -16.06
O3B ADP I . 5.85 -16.44 -17.27
PA ADP I . 7.76 -14.87 -15.22
O1A ADP I . 8.18 -14.00 -16.36
O2A ADP I . 8.38 -16.21 -14.99
O3A ADP I . 6.17 -15.10 -15.27
O5' ADP I . 7.79 -13.97 -13.90
C5' ADP I . 8.52 -14.30 -12.72
C4' ADP I . 7.72 -13.85 -11.51
O4' ADP I . 7.31 -12.48 -11.68
C3' ADP I . 6.44 -14.68 -11.36
O3' ADP I . 6.16 -14.84 -9.97
C2' ADP I . 5.40 -13.81 -12.02
O2' ADP I . 4.07 -14.07 -11.53
C1' ADP I . 5.89 -12.41 -11.66
N9 ADP I . 5.40 -11.42 -12.64
C8 ADP I . 5.51 -11.42 -13.99
N7 ADP I . 4.90 -10.33 -14.51
C5 ADP I . 4.41 -9.63 -13.46
C6 ADP I . 3.65 -8.39 -13.29
N6 ADP I . 3.31 -7.70 -14.38
N1 ADP I . 3.32 -8.01 -12.03
C2 ADP I . 3.64 -8.71 -10.92
N3 ADP I . 4.34 -9.88 -11.01
C4 ADP I . 4.73 -10.35 -12.23
MG MG J . -13.16 9.53 -16.44
PB ADP K . 18.75 -4.50 -13.31
O1B ADP K . 17.59 -3.68 -13.80
O2B ADP K . 18.36 -5.88 -12.85
O3B ADP K . 19.96 -4.45 -14.20
PA ADP K . 20.06 -4.38 -10.77
O1A ADP K . 21.01 -3.33 -10.25
O2A ADP K . 20.60 -5.73 -11.22
O3A ADP K . 19.24 -3.71 -11.99
O5' ADP K . 18.93 -4.61 -9.65
C5' ADP K . 18.89 -5.76 -8.81
C4' ADP K . 17.44 -6.05 -8.39
O4' ADP K . 16.86 -4.88 -7.80
C3' ADP K . 16.58 -6.43 -9.57
O3' ADP K . 15.69 -7.48 -9.18
C2' ADP K . 15.79 -5.18 -9.86
O2' ADP K . 14.51 -5.41 -10.46
C1' ADP K . 15.66 -4.52 -8.50
N9 ADP K . 15.57 -3.06 -8.69
C8 ADP K . 16.51 -2.27 -9.22
N7 ADP K . 16.09 -0.99 -9.28
C5 ADP K . 14.85 -0.97 -8.77
C6 ADP K . 13.83 0.06 -8.54
N6 ADP K . 14.11 1.33 -8.88
N1 ADP K . 12.64 -0.32 -8.00
C2 ADP K . 12.38 -1.60 -7.66
N3 ADP K . 13.28 -2.60 -7.85
C4 ADP K . 14.50 -2.34 -8.38
PB ADP L . 14.06 -5.35 18.14
O1B ADP L . 13.70 -3.99 18.70
O2B ADP L . 14.65 -5.32 16.75
O3B ADP L . 14.83 -6.20 19.12
PA ADP L . 12.14 -7.49 18.53
O1A ADP L . 11.03 -7.23 19.54
O2A ADP L . 13.33 -8.33 18.93
O3A ADP L . 12.61 -6.06 17.95
O5' ADP L . 11.45 -8.19 17.26
C5' ADP L . 12.25 -8.88 16.29
C4' ADP L . 12.08 -8.29 14.90
O4' ADP L . 10.69 -8.25 14.55
C3' ADP L . 12.58 -6.85 14.77
O3' ADP L . 13.96 -6.77 14.39
C2' ADP L . 11.68 -6.26 13.70
O2' ADP L . 12.18 -6.57 12.40
C1' ADP L . 10.38 -7.01 13.90
N9 ADP L . 9.47 -6.20 14.76
C8 ADP L . 9.45 -6.17 16.10
N7 ADP L . 8.50 -5.32 16.57
C5 ADP L . 7.90 -4.78 15.49
C6 ADP L . 6.81 -3.81 15.24
N6 ADP L . 6.16 -3.22 16.28
N1 ADP L . 6.49 -3.53 13.97
C2 ADP L . 7.13 -4.12 12.94
N3 ADP L . 8.13 -5.01 13.06
C4 ADP L . 8.54 -5.38 14.30
PB ADP M . 0.59 -18.08 15.46
O1B ADP M . 1.72 -17.30 16.13
O2B ADP M . 0.16 -19.30 16.23
O3B ADP M . -0.55 -17.19 15.00
PA ADP M . 0.48 -19.52 12.99
O1A ADP M . -1.01 -19.49 13.32
O2A ADP M . 1.17 -20.86 12.82
O3A ADP M . 1.27 -18.66 14.11
O5' ADP M . 0.71 -18.69 11.63
C5' ADP M . 2.01 -18.51 11.06
C4' ADP M . 2.11 -17.09 10.51
O4' ADP M . 0.86 -16.70 9.94
C3' ADP M . 2.44 -16.11 11.62
O3' ADP M . 3.74 -15.53 11.42
C2' ADP M . 1.35 -15.05 11.57
O2' ADP M . 1.91 -13.77 11.28
C1' ADP M . 0.39 -15.45 10.45
N9 ADP M . -1.01 -15.51 10.95
C8 ADP M . -1.51 -16.46 11.77
N7 ADP M . -2.82 -16.24 12.07
C5 ADP M . -3.18 -15.11 11.45
C6 ADP M . -4.42 -14.30 11.34
N6 ADP M . -5.56 -14.68 11.98
N1 ADP M . -4.38 -13.18 10.57
C2 ADP M . -3.25 -12.79 9.93
N3 ADP M . -2.09 -13.48 10.00
C4 ADP M . -1.99 -14.64 10.72
MG MG N . -2.25 5.24 -1.44
#